data_2P5R
#
_entry.id   2P5R
#
_cell.length_a   71.580
_cell.length_b   71.580
_cell.length_c   117.820
_cell.angle_alpha   90.00
_cell.angle_beta   90.00
_cell.angle_gamma   120.00
#
_symmetry.space_group_name_H-M   'P 31 2 1'
#
loop_
_entity.id
_entity.type
_entity.pdbx_description
1 polymer 'Glutathione peroxidase 5'
2 non-polymer 'CALCIUM ION'
3 water water
#
_entity_poly.entity_id   1
_entity_poly.type   'polypeptide(L)'
_entity_poly.pdbx_seq_one_letter_code
;MATQTSKNPESVHDFTVKDAKENDVDLSIFKGKVLLIVNVASKCGMTNSNYAEMNQLYEKYKDQGLEILAFPCNQFGEEE
PGTNDQITDFVCTRFKSEFPIFDKIDVNGENASPLYRFLKLGKWGIFGDDIQWNFAKFLVNKDGQVVDRYYPTTSPLSLE
RDIKQLLEIS
;
_entity_poly.pdbx_strand_id   A,B
#
loop_
_chem_comp.id
_chem_comp.type
_chem_comp.name
_chem_comp.formula
CA non-polymer 'CALCIUM ION' 'Ca 2'
#
# COMPACT_ATOMS: atom_id res chain seq x y z
N SER A 6 -27.14 -14.03 -9.28
CA SER A 6 -25.85 -13.41 -8.85
C SER A 6 -24.68 -14.39 -9.02
N LYS A 7 -24.70 -15.13 -10.12
CA LYS A 7 -23.66 -16.11 -10.44
C LYS A 7 -22.27 -15.50 -10.26
N ASN A 8 -22.03 -14.39 -10.95
CA ASN A 8 -20.74 -13.72 -10.87
C ASN A 8 -20.64 -12.95 -9.55
N PRO A 9 -19.57 -13.19 -8.77
CA PRO A 9 -19.34 -12.54 -7.49
C PRO A 9 -19.34 -11.03 -7.52
N GLU A 10 -20.11 -10.43 -6.64
CA GLU A 10 -20.21 -8.99 -6.55
C GLU A 10 -19.44 -8.51 -5.33
N SER A 11 -19.24 -9.40 -4.37
CA SER A 11 -18.52 -9.05 -3.15
C SER A 11 -17.76 -10.20 -2.50
N VAL A 12 -16.97 -9.85 -1.49
CA VAL A 12 -16.18 -10.80 -0.75
C VAL A 12 -17.10 -11.78 -0.05
N HIS A 13 -18.33 -11.35 0.19
CA HIS A 13 -19.32 -12.20 0.86
C HIS A 13 -19.77 -13.31 -0.08
N ASP A 14 -19.49 -13.18 -1.37
CA ASP A 14 -19.91 -14.22 -2.30
C ASP A 14 -18.91 -15.35 -2.43
N PHE A 15 -18.02 -15.48 -1.45
CA PHE A 15 -17.01 -16.53 -1.45
C PHE A 15 -17.06 -17.44 -0.24
N THR A 16 -16.70 -18.70 -0.46
CA THR A 16 -16.66 -19.69 0.60
C THR A 16 -15.24 -20.25 0.60
N VAL A 17 -14.59 -20.20 1.75
CA VAL A 17 -13.22 -20.68 1.87
C VAL A 17 -13.11 -21.72 2.95
N LYS A 18 -12.08 -22.55 2.87
CA LYS A 18 -11.87 -23.59 3.88
C LYS A 18 -11.10 -23.01 5.04
N ASP A 19 -11.42 -23.45 6.25
CA ASP A 19 -10.69 -22.97 7.42
C ASP A 19 -9.61 -23.99 7.73
N ALA A 20 -8.80 -23.70 8.74
CA ALA A 20 -7.70 -24.57 9.14
C ALA A 20 -8.12 -26.04 9.22
N LYS A 21 -9.37 -26.31 9.56
CA LYS A 21 -9.84 -27.69 9.65
C LYS A 21 -10.68 -28.16 8.47
N GLU A 22 -10.48 -27.55 7.31
CA GLU A 22 -11.21 -27.90 6.09
C GLU A 22 -12.74 -27.93 6.17
N ASN A 23 -13.31 -26.96 6.87
CA ASN A 23 -14.76 -26.83 6.99
C ASN A 23 -15.12 -25.58 6.20
N ASP A 24 -16.00 -25.72 5.21
CA ASP A 24 -16.37 -24.56 4.42
C ASP A 24 -16.88 -23.39 5.25
N VAL A 25 -16.45 -22.19 4.88
CA VAL A 25 -16.87 -20.97 5.57
C VAL A 25 -17.33 -19.92 4.58
N ASP A 26 -18.61 -19.57 4.66
CA ASP A 26 -19.18 -18.57 3.78
C ASP A 26 -18.88 -17.18 4.33
N LEU A 27 -18.21 -16.34 3.55
CA LEU A 27 -17.88 -15.01 4.05
C LEU A 27 -19.08 -14.14 4.39
N SER A 28 -20.28 -14.59 4.03
CA SER A 28 -21.50 -13.86 4.36
C SER A 28 -21.69 -13.73 5.87
N ILE A 29 -21.18 -14.68 6.63
CA ILE A 29 -21.32 -14.62 8.09
C ILE A 29 -20.51 -13.45 8.64
N PHE A 30 -19.83 -12.73 7.75
CA PHE A 30 -19.04 -11.57 8.17
C PHE A 30 -19.64 -10.24 7.71
N LYS A 31 -20.80 -10.30 7.06
CA LYS A 31 -21.45 -9.07 6.61
C LYS A 31 -21.74 -8.27 7.87
N GLY A 32 -21.58 -6.95 7.81
CA GLY A 32 -21.82 -6.13 8.99
C GLY A 32 -20.56 -6.00 9.83
N LYS A 33 -19.46 -6.52 9.33
CA LYS A 33 -18.19 -6.44 10.04
C LYS A 33 -17.09 -5.99 9.08
N VAL A 34 -16.14 -5.22 9.59
CA VAL A 34 -15.03 -4.76 8.77
C VAL A 34 -14.02 -5.87 8.79
N LEU A 35 -13.49 -6.22 7.63
CA LEU A 35 -12.53 -7.30 7.54
C LEU A 35 -11.11 -6.91 7.19
N LEU A 36 -10.16 -7.49 7.91
CA LEU A 36 -8.74 -7.28 7.67
C LEU A 36 -8.25 -8.64 7.14
N ILE A 37 -7.99 -8.69 5.83
CA ILE A 37 -7.53 -9.91 5.17
C ILE A 37 -6.03 -9.87 4.99
N VAL A 38 -5.35 -10.82 5.61
CA VAL A 38 -3.89 -10.90 5.59
C VAL A 38 -3.38 -12.26 5.16
N ASN A 39 -2.41 -12.30 4.26
CA ASN A 39 -1.81 -13.56 3.82
C ASN A 39 -0.61 -13.76 4.72
N VAL A 40 -0.50 -14.92 5.34
CA VAL A 40 0.59 -15.20 6.25
C VAL A 40 1.53 -16.27 5.75
N ALA A 41 2.72 -16.33 6.33
CA ALA A 41 3.70 -17.34 5.94
C ALA A 41 3.13 -18.72 6.27
N SER A 42 3.53 -19.71 5.51
CA SER A 42 3.02 -21.05 5.71
C SER A 42 3.79 -21.82 6.81
N LYS A 43 5.06 -21.48 7.01
CA LYS A 43 5.86 -22.15 8.01
C LYS A 43 5.38 -21.86 9.44
N CYS A 44 5.87 -22.63 10.40
CA CYS A 44 5.49 -22.45 11.80
C CYS A 44 6.28 -21.31 12.39
N GLY A 45 5.69 -20.64 13.37
CA GLY A 45 6.39 -19.53 14.01
C GLY A 45 5.68 -18.18 13.93
N MET A 46 5.18 -17.72 15.06
CA MET A 46 4.50 -16.44 15.13
C MET A 46 5.51 -15.39 15.59
N THR A 47 6.75 -15.55 15.17
CA THR A 47 7.82 -14.62 15.56
C THR A 47 7.83 -13.33 14.75
N ASN A 48 7.36 -13.39 13.51
CA ASN A 48 7.31 -12.21 12.65
C ASN A 48 6.51 -11.17 13.44
N SER A 49 6.95 -9.91 13.41
CA SER A 49 6.28 -8.85 14.15
C SER A 49 4.79 -8.66 13.81
N ASN A 50 4.42 -8.92 12.57
CA ASN A 50 3.03 -8.76 12.15
C ASN A 50 2.04 -9.45 13.09
N TYR A 51 2.37 -10.65 13.55
CA TYR A 51 1.48 -11.39 14.43
C TYR A 51 1.10 -10.65 15.70
N ALA A 52 2.11 -10.13 16.40
CA ALA A 52 1.88 -9.42 17.65
C ALA A 52 1.00 -8.21 17.42
N GLU A 53 1.26 -7.49 16.33
CA GLU A 53 0.48 -6.31 16.03
C GLU A 53 -0.99 -6.63 15.69
N MET A 54 -1.21 -7.71 14.93
CA MET A 54 -2.58 -8.09 14.60
C MET A 54 -3.24 -8.55 15.88
N ASN A 55 -2.47 -9.25 16.72
CA ASN A 55 -2.97 -9.72 18.00
C ASN A 55 -3.48 -8.51 18.79
N GLN A 56 -2.66 -7.47 18.83
CA GLN A 56 -3.04 -6.25 19.55
C GLN A 56 -4.29 -5.68 18.88
N LEU A 57 -4.23 -5.49 17.57
CA LEU A 57 -5.36 -4.95 16.82
C LEU A 57 -6.64 -5.68 17.18
N TYR A 58 -6.56 -7.00 17.19
CA TYR A 58 -7.72 -7.82 17.48
C TYR A 58 -8.27 -7.61 18.88
N GLU A 59 -7.38 -7.65 19.88
CA GLU A 59 -7.80 -7.49 21.27
C GLU A 59 -8.52 -6.16 21.46
N LYS A 60 -8.12 -5.17 20.68
CA LYS A 60 -8.71 -3.84 20.78
C LYS A 60 -9.89 -3.59 19.85
N TYR A 61 -10.22 -4.53 18.97
CA TYR A 61 -11.33 -4.31 18.03
C TYR A 61 -12.26 -5.48 17.67
N LYS A 62 -11.93 -6.71 18.08
CA LYS A 62 -12.78 -7.84 17.77
C LYS A 62 -14.20 -7.52 18.20
N ASP A 63 -14.32 -6.90 19.36
CA ASP A 63 -15.63 -6.54 19.90
C ASP A 63 -15.95 -5.07 19.59
N GLN A 64 -15.99 -4.75 18.30
CA GLN A 64 -16.31 -3.42 17.79
C GLN A 64 -16.65 -3.53 16.31
N GLY A 65 -16.43 -4.72 15.74
CA GLY A 65 -16.74 -4.94 14.35
C GLY A 65 -15.60 -5.41 13.46
N LEU A 66 -14.44 -5.64 14.04
CA LEU A 66 -13.29 -6.07 13.25
C LEU A 66 -13.09 -7.57 13.28
N GLU A 67 -12.89 -8.15 12.10
CA GLU A 67 -12.65 -9.57 11.96
C GLU A 67 -11.36 -9.68 11.16
N ILE A 68 -10.56 -10.70 11.45
CA ILE A 68 -9.30 -10.88 10.74
C ILE A 68 -9.27 -12.23 10.08
N LEU A 69 -9.10 -12.24 8.77
CA LEU A 69 -9.02 -13.50 8.03
C LEU A 69 -7.60 -13.63 7.55
N ALA A 70 -6.86 -14.50 8.24
CA ALA A 70 -5.46 -14.74 7.92
C ALA A 70 -5.38 -16.01 7.08
N PHE A 71 -4.74 -15.91 5.94
CA PHE A 71 -4.59 -17.04 5.03
C PHE A 71 -3.13 -17.44 4.87
N PRO A 72 -2.80 -18.69 5.24
CA PRO A 72 -1.42 -19.17 5.13
C PRO A 72 -1.11 -19.39 3.65
N CYS A 73 0.13 -19.13 3.26
CA CYS A 73 0.54 -19.33 1.88
C CYS A 73 2.04 -19.59 1.86
N ASN A 74 2.50 -20.49 0.99
CA ASN A 74 3.92 -20.78 0.94
C ASN A 74 4.57 -20.38 -0.39
N GLN A 75 4.00 -19.36 -1.04
CA GLN A 75 4.55 -18.91 -2.33
C GLN A 75 5.73 -17.95 -2.17
N PHE A 76 5.96 -17.50 -0.94
CA PHE A 76 7.06 -16.58 -0.68
C PHE A 76 8.17 -17.18 0.17
N GLY A 77 9.36 -17.23 -0.40
CA GLY A 77 10.53 -17.77 0.28
C GLY A 77 10.34 -19.14 0.89
N GLU A 78 9.76 -20.07 0.13
CA GLU A 78 9.52 -21.43 0.62
C GLU A 78 10.84 -22.15 0.91
N GLU A 79 11.95 -21.51 0.57
CA GLU A 79 13.27 -22.07 0.77
C GLU A 79 13.92 -21.58 2.07
N GLU A 80 13.11 -20.99 2.97
CA GLU A 80 13.65 -20.47 4.23
C GLU A 80 14.06 -21.52 5.26
N PRO A 81 13.10 -22.29 5.80
CA PRO A 81 13.51 -23.30 6.79
C PRO A 81 14.68 -24.16 6.30
N GLY A 82 15.70 -24.33 7.15
CA GLY A 82 16.83 -25.14 6.75
C GLY A 82 16.31 -26.46 6.22
N THR A 83 15.19 -26.90 6.79
CA THR A 83 14.54 -28.15 6.40
C THR A 83 13.08 -27.87 6.00
N ASN A 84 12.91 -27.27 4.83
CA ASN A 84 11.59 -26.94 4.31
C ASN A 84 11.17 -27.99 3.28
N ASP A 85 12.17 -28.47 2.54
CA ASP A 85 11.95 -29.48 1.51
C ASP A 85 10.93 -30.53 1.92
N GLN A 86 10.90 -30.83 3.21
CA GLN A 86 9.99 -31.82 3.76
C GLN A 86 8.54 -31.62 3.36
N ILE A 87 8.00 -32.59 2.63
CA ILE A 87 6.61 -32.59 2.20
C ILE A 87 5.80 -33.55 3.05
N THR A 88 5.00 -33.01 3.96
CA THR A 88 4.13 -33.80 4.82
C THR A 88 2.85 -33.01 4.80
N ASP A 89 2.93 -31.87 4.12
CA ASP A 89 1.84 -30.91 3.95
C ASP A 89 2.41 -29.65 3.27
N PHE A 90 3.43 -29.09 3.92
CA PHE A 90 4.12 -27.87 3.48
C PHE A 90 3.50 -26.61 4.06
N VAL A 91 2.71 -26.78 5.12
CA VAL A 91 2.05 -25.68 5.80
C VAL A 91 2.03 -26.07 7.27
N CYS A 92 2.25 -25.12 8.17
CA CYS A 92 2.27 -25.47 9.59
C CYS A 92 0.98 -26.13 10.06
N THR A 93 1.13 -27.33 10.62
CA THR A 93 0.01 -28.10 11.12
C THR A 93 -0.68 -27.42 12.32
N ARG A 94 -0.07 -26.38 12.86
CA ARG A 94 -0.65 -25.68 13.99
C ARG A 94 -0.25 -24.21 14.02
N PHE A 95 -1.24 -23.33 14.16
CA PHE A 95 -1.00 -21.90 14.19
C PHE A 95 -1.71 -21.24 15.37
N LYS A 96 -1.02 -21.14 16.50
CA LYS A 96 -1.61 -20.52 17.68
C LYS A 96 -1.92 -19.04 17.44
N SER A 97 -3.19 -18.67 17.53
CA SER A 97 -3.62 -17.30 17.31
C SER A 97 -5.11 -17.09 17.64
N GLU A 98 -5.44 -15.98 18.29
CA GLU A 98 -6.83 -15.69 18.64
C GLU A 98 -7.65 -15.51 17.38
N PHE A 99 -7.13 -14.71 16.45
CA PHE A 99 -7.83 -14.48 15.20
C PHE A 99 -7.65 -15.74 14.35
N PRO A 100 -8.72 -16.16 13.66
CA PRO A 100 -8.77 -17.34 12.78
C PRO A 100 -7.77 -17.47 11.65
N ILE A 101 -7.15 -18.64 11.55
CA ILE A 101 -6.18 -18.94 10.50
C ILE A 101 -6.88 -19.97 9.61
N PHE A 102 -6.95 -19.70 8.32
CA PHE A 102 -7.61 -20.61 7.38
C PHE A 102 -6.66 -21.59 6.69
N ASP A 103 -7.23 -22.47 5.87
CA ASP A 103 -6.43 -23.46 5.17
C ASP A 103 -5.48 -22.73 4.23
N LYS A 104 -4.42 -23.42 3.84
CA LYS A 104 -3.43 -22.86 2.94
C LYS A 104 -4.09 -22.55 1.60
N ILE A 105 -3.65 -21.47 0.95
CA ILE A 105 -4.18 -21.10 -0.36
C ILE A 105 -3.08 -20.45 -1.18
N ASP A 106 -3.26 -20.41 -2.48
CA ASP A 106 -2.29 -19.72 -3.32
C ASP A 106 -2.88 -18.33 -3.50
N VAL A 107 -2.04 -17.30 -3.44
CA VAL A 107 -2.55 -15.94 -3.64
C VAL A 107 -2.21 -15.44 -5.04
N ASN A 108 -1.16 -15.99 -5.65
CA ASN A 108 -0.77 -15.62 -7.00
C ASN A 108 -0.74 -16.83 -7.93
N GLY A 109 -0.89 -16.59 -9.23
CA GLY A 109 -0.81 -17.69 -10.19
C GLY A 109 -2.09 -18.39 -10.61
N GLU A 110 -1.92 -19.49 -11.35
CA GLU A 110 -3.04 -20.27 -11.86
C GLU A 110 -3.95 -20.94 -10.83
N ASN A 111 -3.51 -21.02 -9.58
CA ASN A 111 -4.36 -21.62 -8.55
C ASN A 111 -4.70 -20.64 -7.44
N ALA A 112 -4.55 -19.36 -7.73
CA ALA A 112 -4.85 -18.33 -6.76
C ALA A 112 -6.27 -18.50 -6.30
N SER A 113 -6.48 -18.34 -5.01
CA SER A 113 -7.81 -18.44 -4.43
C SER A 113 -8.74 -17.45 -5.11
N PRO A 114 -9.94 -17.91 -5.50
CA PRO A 114 -10.93 -17.06 -6.15
C PRO A 114 -11.17 -15.77 -5.38
N LEU A 115 -10.97 -15.83 -4.06
CA LEU A 115 -11.14 -14.64 -3.22
C LEU A 115 -10.05 -13.63 -3.51
N TYR A 116 -8.83 -14.11 -3.70
CA TYR A 116 -7.75 -13.18 -3.98
C TYR A 116 -7.84 -12.62 -5.39
N ARG A 117 -8.48 -13.36 -6.29
CA ARG A 117 -8.66 -12.83 -7.64
C ARG A 117 -9.59 -11.62 -7.49
N PHE A 118 -10.69 -11.81 -6.76
CA PHE A 118 -11.66 -10.74 -6.53
C PHE A 118 -11.06 -9.51 -5.85
N LEU A 119 -10.30 -9.72 -4.78
CA LEU A 119 -9.68 -8.59 -4.07
C LEU A 119 -8.73 -7.83 -5.02
N LYS A 120 -8.08 -8.56 -5.93
CA LYS A 120 -7.16 -7.93 -6.86
C LYS A 120 -7.92 -7.09 -7.91
N LEU A 121 -9.24 -7.18 -7.85
CA LEU A 121 -10.12 -6.46 -8.78
C LEU A 121 -10.46 -5.11 -8.16
N GLY A 122 -10.34 -5.04 -6.84
CA GLY A 122 -10.67 -3.83 -6.11
C GLY A 122 -10.21 -2.49 -6.63
N LYS A 123 -11.05 -1.48 -6.39
CA LYS A 123 -10.78 -0.10 -6.80
C LYS A 123 -10.39 0.01 -8.25
N TRP A 124 -11.23 -0.55 -9.10
CA TRP A 124 -10.98 -0.53 -10.53
C TRP A 124 -9.57 -0.93 -10.92
N GLY A 125 -9.12 -2.08 -10.41
CA GLY A 125 -7.80 -2.54 -10.75
C GLY A 125 -6.63 -1.93 -9.99
N ILE A 126 -6.87 -0.88 -9.23
CA ILE A 126 -5.78 -0.28 -8.47
C ILE A 126 -5.12 -1.33 -7.58
N PHE A 127 -5.86 -2.37 -7.20
CA PHE A 127 -5.31 -3.41 -6.35
C PHE A 127 -4.91 -4.62 -7.18
N GLY A 128 -4.77 -4.43 -8.48
CA GLY A 128 -4.43 -5.52 -9.36
C GLY A 128 -3.07 -6.19 -9.21
N ASP A 129 -2.16 -5.56 -8.49
CA ASP A 129 -0.83 -6.12 -8.29
C ASP A 129 -0.85 -7.48 -7.62
N ASP A 130 0.06 -8.36 -8.02
CA ASP A 130 0.18 -9.68 -7.41
C ASP A 130 0.58 -9.41 -5.95
N ILE A 131 0.36 -10.37 -5.08
CA ILE A 131 0.75 -10.20 -3.69
C ILE A 131 2.27 -10.15 -3.71
N GLN A 132 2.83 -9.07 -3.16
CA GLN A 132 4.27 -8.88 -3.19
C GLN A 132 5.09 -9.79 -2.30
N TRP A 133 4.53 -10.17 -1.16
CA TRP A 133 5.25 -11.01 -0.23
C TRP A 133 4.33 -11.43 0.90
N ASN A 134 4.87 -12.02 1.94
CA ASN A 134 4.06 -12.43 3.07
C ASN A 134 3.53 -11.19 3.77
N PHE A 135 2.31 -11.29 4.28
CA PHE A 135 1.72 -10.21 5.03
C PHE A 135 1.25 -8.95 4.29
N ALA A 136 0.63 -9.13 3.13
CA ALA A 136 0.07 -7.97 2.43
C ALA A 136 -1.28 -7.79 3.14
N LYS A 137 -1.82 -6.58 3.14
CA LYS A 137 -3.10 -6.36 3.82
C LYS A 137 -4.18 -5.74 2.94
N PHE A 138 -5.43 -6.09 3.25
CA PHE A 138 -6.61 -5.58 2.58
C PHE A 138 -7.64 -5.26 3.66
N LEU A 139 -8.38 -4.19 3.48
CA LEU A 139 -9.44 -3.84 4.40
C LEU A 139 -10.72 -3.89 3.59
N VAL A 140 -11.67 -4.71 4.03
CA VAL A 140 -12.95 -4.83 3.35
C VAL A 140 -14.01 -4.24 4.27
N ASN A 141 -14.94 -3.46 3.71
CA ASN A 141 -15.99 -2.83 4.51
C ASN A 141 -17.11 -3.78 4.87
N LYS A 142 -18.02 -3.28 5.70
CA LYS A 142 -19.17 -4.03 6.19
C LYS A 142 -19.98 -4.66 5.06
N ASP A 143 -19.95 -4.02 3.89
CA ASP A 143 -20.68 -4.48 2.73
C ASP A 143 -19.99 -5.54 1.88
N GLY A 144 -18.72 -5.83 2.18
CA GLY A 144 -18.01 -6.84 1.42
C GLY A 144 -17.19 -6.35 0.24
N GLN A 145 -16.99 -5.04 0.12
CA GLN A 145 -16.19 -4.53 -0.99
C GLN A 145 -14.80 -4.17 -0.47
N VAL A 146 -13.79 -4.32 -1.31
CA VAL A 146 -12.41 -4.00 -0.93
C VAL A 146 -12.24 -2.50 -1.00
N VAL A 147 -11.72 -1.89 0.06
CA VAL A 147 -11.53 -0.45 0.08
C VAL A 147 -10.08 -0.02 0.27
N ASP A 148 -9.24 -0.91 0.80
CA ASP A 148 -7.83 -0.55 1.00
C ASP A 148 -6.88 -1.72 0.78
N ARG A 149 -5.64 -1.40 0.44
CA ARG A 149 -4.61 -2.41 0.26
C ARG A 149 -3.30 -1.82 0.79
N TYR A 150 -2.52 -2.65 1.46
CA TYR A 150 -1.26 -2.20 2.01
C TYR A 150 -0.13 -3.13 1.62
N TYR A 151 1.07 -2.57 1.49
CA TYR A 151 2.23 -3.37 1.15
C TYR A 151 2.61 -4.17 2.38
N PRO A 152 3.24 -5.33 2.19
CA PRO A 152 3.64 -6.18 3.31
C PRO A 152 4.35 -5.38 4.41
N THR A 153 5.20 -4.46 3.97
CA THR A 153 5.98 -3.62 4.87
C THR A 153 5.18 -2.69 5.78
N THR A 154 3.91 -2.46 5.47
CA THR A 154 3.10 -1.58 6.32
C THR A 154 2.64 -2.36 7.54
N SER A 155 3.13 -1.99 8.72
CA SER A 155 2.75 -2.69 9.95
C SER A 155 1.27 -2.52 10.21
N PRO A 156 0.64 -3.54 10.81
CA PRO A 156 -0.79 -3.51 11.12
C PRO A 156 -1.25 -2.26 11.83
N LEU A 157 -0.57 -1.93 12.93
CA LEU A 157 -0.91 -0.76 13.72
C LEU A 157 -1.09 0.51 12.89
N SER A 158 -0.42 0.57 11.74
CA SER A 158 -0.53 1.73 10.88
C SER A 158 -1.82 1.73 10.07
N LEU A 159 -2.67 0.74 10.31
CA LEU A 159 -3.93 0.64 9.60
C LEU A 159 -5.07 0.96 10.55
N GLU A 160 -4.73 1.29 11.78
CA GLU A 160 -5.75 1.57 12.78
C GLU A 160 -6.70 2.69 12.38
N ARG A 161 -6.15 3.79 11.85
CA ARG A 161 -6.98 4.92 11.47
C ARG A 161 -8.07 4.48 10.50
N ASP A 162 -7.67 3.74 9.47
CA ASP A 162 -8.62 3.26 8.48
C ASP A 162 -9.62 2.27 9.08
N ILE A 163 -9.18 1.45 10.03
CA ILE A 163 -10.07 0.49 10.69
C ILE A 163 -11.16 1.27 11.42
N LYS A 164 -10.74 2.18 12.30
CA LYS A 164 -11.69 2.99 13.07
C LYS A 164 -12.63 3.72 12.13
N GLN A 165 -12.10 4.21 11.01
CA GLN A 165 -12.90 4.92 10.03
C GLN A 165 -13.96 4.01 9.41
N LEU A 166 -13.63 2.74 9.22
CA LEU A 166 -14.61 1.82 8.66
C LEU A 166 -15.58 1.34 9.72
N LEU A 167 -15.07 0.97 10.89
CA LEU A 167 -15.93 0.51 11.98
C LEU A 167 -16.74 1.71 12.44
N GLU A 168 -16.30 2.90 12.03
CA GLU A 168 -16.95 4.17 12.40
C GLU A 168 -16.73 4.41 13.90
N ILE A 169 -15.55 4.94 14.24
CA ILE A 169 -15.21 5.22 15.62
C ILE A 169 -14.36 6.49 15.74
N SER B 6 24.93 10.87 -8.20
CA SER B 6 26.28 10.35 -8.57
C SER B 6 26.18 9.34 -9.72
N LYS B 7 26.57 8.09 -9.47
CA LYS B 7 26.50 7.06 -10.50
C LYS B 7 26.05 5.73 -9.91
N ASN B 8 26.22 5.59 -8.60
CA ASN B 8 25.84 4.38 -7.89
C ASN B 8 24.56 4.61 -7.09
N PRO B 9 23.40 4.26 -7.68
CA PRO B 9 22.11 4.43 -7.01
C PRO B 9 22.08 3.72 -5.65
N GLU B 10 22.54 4.43 -4.62
CA GLU B 10 22.58 3.89 -3.27
C GLU B 10 21.49 4.49 -2.39
N SER B 11 21.20 5.76 -2.60
CA SER B 11 20.19 6.45 -1.82
C SER B 11 19.43 7.44 -2.70
N VAL B 12 18.33 7.98 -2.17
CA VAL B 12 17.53 8.94 -2.91
C VAL B 12 18.31 10.24 -3.09
N HIS B 13 19.29 10.44 -2.22
CA HIS B 13 20.14 11.63 -2.23
C HIS B 13 21.14 11.64 -3.38
N ASP B 14 21.32 10.50 -4.05
CA ASP B 14 22.24 10.43 -5.17
C ASP B 14 21.50 10.94 -6.41
N PHE B 15 20.29 11.44 -6.18
CA PHE B 15 19.43 11.95 -7.25
C PHE B 15 19.14 13.44 -7.20
N THR B 16 19.11 14.05 -8.37
CA THR B 16 18.81 15.47 -8.52
C THR B 16 17.62 15.54 -9.46
N VAL B 17 16.57 16.28 -9.08
CA VAL B 17 15.39 16.41 -9.93
C VAL B 17 15.07 17.86 -10.24
N LYS B 18 14.20 18.06 -11.22
CA LYS B 18 13.79 19.40 -11.63
C LYS B 18 12.58 19.90 -10.86
N ASP B 19 12.59 21.19 -10.52
CA ASP B 19 11.45 21.77 -9.82
C ASP B 19 10.53 22.38 -10.86
N ALA B 20 9.49 23.08 -10.41
CA ALA B 20 8.54 23.70 -11.32
C ALA B 20 9.23 24.69 -12.24
N LYS B 21 10.27 25.34 -11.73
CA LYS B 21 11.02 26.33 -12.49
C LYS B 21 12.07 25.70 -13.39
N GLU B 22 12.08 24.37 -13.46
CA GLU B 22 13.04 23.61 -14.26
C GLU B 22 14.47 23.74 -13.75
N ASN B 23 14.60 24.18 -12.49
CA ASN B 23 15.92 24.34 -11.87
C ASN B 23 16.29 23.05 -11.15
N ASP B 24 17.55 22.66 -11.22
CA ASP B 24 18.00 21.43 -10.56
C ASP B 24 17.89 21.51 -9.04
N VAL B 25 17.50 20.42 -8.42
CA VAL B 25 17.36 20.33 -6.98
C VAL B 25 18.05 19.07 -6.51
N ASP B 26 19.19 19.22 -5.85
CA ASP B 26 19.94 18.06 -5.34
C ASP B 26 19.15 17.49 -4.17
N LEU B 27 18.51 16.35 -4.40
CA LEU B 27 17.72 15.71 -3.35
C LEU B 27 18.54 15.44 -2.11
N SER B 28 19.86 15.43 -2.29
CA SER B 28 20.77 15.20 -1.18
C SER B 28 20.69 16.27 -0.09
N ILE B 29 20.03 17.39 -0.39
CA ILE B 29 19.89 18.45 0.60
C ILE B 29 18.80 18.13 1.61
N PHE B 30 18.06 17.05 1.35
CA PHE B 30 16.96 16.65 2.22
C PHE B 30 17.31 15.68 3.35
N LYS B 31 18.52 15.13 3.32
CA LYS B 31 18.92 14.21 4.38
C LYS B 31 18.61 14.85 5.73
N GLY B 32 18.35 14.01 6.72
CA GLY B 32 18.01 14.52 8.03
C GLY B 32 16.51 14.76 8.06
N LYS B 33 15.87 14.70 6.89
CA LYS B 33 14.44 14.89 6.82
C LYS B 33 13.69 13.72 6.18
N VAL B 34 12.47 13.50 6.64
CA VAL B 34 11.63 12.42 6.13
C VAL B 34 10.91 12.82 4.85
N LEU B 35 11.20 12.10 3.77
CA LEU B 35 10.60 12.37 2.48
C LEU B 35 9.32 11.59 2.25
N LEU B 36 8.27 12.31 1.90
CA LEU B 36 6.99 11.70 1.58
C LEU B 36 6.85 12.07 0.12
N ILE B 37 7.16 11.11 -0.75
CA ILE B 37 7.11 11.29 -2.18
C ILE B 37 5.76 10.80 -2.70
N VAL B 38 5.12 11.62 -3.53
CA VAL B 38 3.81 11.28 -4.06
C VAL B 38 3.57 11.94 -5.42
N ASN B 39 3.06 11.14 -6.34
CA ASN B 39 2.75 11.61 -7.68
C ASN B 39 1.36 12.24 -7.70
N VAL B 40 1.27 13.48 -8.20
CA VAL B 40 0.00 14.17 -8.27
C VAL B 40 -0.47 14.30 -9.72
N ALA B 41 -1.75 14.58 -9.90
CA ALA B 41 -2.33 14.71 -11.23
C ALA B 41 -1.99 16.01 -11.95
N SER B 42 -2.34 16.08 -13.22
CA SER B 42 -2.10 17.27 -14.02
C SER B 42 -3.29 18.21 -13.94
N LYS B 43 -4.45 17.69 -13.53
CA LYS B 43 -5.65 18.50 -13.41
C LYS B 43 -5.32 19.87 -12.86
N CYS B 44 -6.04 20.89 -13.34
CA CYS B 44 -5.82 22.27 -12.91
C CYS B 44 -6.92 22.68 -11.95
N GLY B 45 -6.68 22.52 -10.65
CA GLY B 45 -7.67 22.89 -9.65
C GLY B 45 -7.43 22.28 -8.28
N MET B 46 -6.76 21.13 -8.26
CA MET B 46 -6.45 20.42 -7.01
C MET B 46 -7.68 20.12 -6.18
N THR B 47 -8.75 19.70 -6.84
CA THR B 47 -9.99 19.37 -6.15
C THR B 47 -9.86 18.15 -5.24
N ASN B 48 -9.11 17.16 -5.69
CA ASN B 48 -8.90 15.91 -4.94
C ASN B 48 -8.62 16.13 -3.46
N SER B 49 -9.12 15.23 -2.62
CA SER B 49 -8.96 15.32 -1.18
C SER B 49 -7.54 15.06 -0.71
N ASN B 50 -6.75 14.38 -1.55
CA ASN B 50 -5.36 14.08 -1.23
C ASN B 50 -4.56 15.34 -0.90
N TYR B 51 -4.74 16.39 -1.71
CA TYR B 51 -4.01 17.64 -1.50
C TYR B 51 -4.34 18.27 -0.14
N ALA B 52 -5.63 18.37 0.17
CA ALA B 52 -6.05 18.96 1.43
C ALA B 52 -5.36 18.25 2.60
N GLU B 53 -5.46 16.92 2.61
CA GLU B 53 -4.87 16.13 3.68
C GLU B 53 -3.36 16.28 3.70
N MET B 54 -2.77 16.39 2.52
CA MET B 54 -1.32 16.56 2.45
C MET B 54 -0.95 17.91 3.05
N ASN B 55 -1.79 18.92 2.80
CA ASN B 55 -1.51 20.24 3.35
C ASN B 55 -1.45 20.11 4.86
N GLN B 56 -2.47 19.51 5.46
CA GLN B 56 -2.48 19.34 6.90
C GLN B 56 -1.19 18.65 7.34
N LEU B 57 -0.89 17.50 6.75
CA LEU B 57 0.34 16.78 7.10
C LEU B 57 1.54 17.71 7.08
N TYR B 58 1.51 18.65 6.13
CA TYR B 58 2.58 19.61 6.00
C TYR B 58 2.44 20.64 7.14
N GLU B 59 1.22 21.13 7.29
CA GLU B 59 0.90 22.10 8.33
C GLU B 59 1.43 21.62 9.69
N LYS B 60 1.28 20.32 9.96
CA LYS B 60 1.70 19.74 11.22
C LYS B 60 3.16 19.34 11.37
N TYR B 61 3.75 18.75 10.32
CA TYR B 61 5.14 18.32 10.42
C TYR B 61 6.11 19.12 9.55
N LYS B 62 5.61 20.23 9.01
CA LYS B 62 6.41 21.10 8.16
C LYS B 62 7.74 21.44 8.82
N ASP B 63 7.69 21.91 10.06
CA ASP B 63 8.90 22.26 10.78
C ASP B 63 9.29 21.19 11.79
N GLN B 64 9.45 19.96 11.30
CA GLN B 64 9.83 18.84 12.15
C GLN B 64 10.68 17.82 11.39
N GLY B 65 10.84 18.05 10.09
CA GLY B 65 11.65 17.13 9.30
C GLY B 65 10.92 16.52 8.12
N LEU B 66 9.59 16.65 8.10
CA LEU B 66 8.79 16.09 7.01
C LEU B 66 8.71 17.00 5.79
N GLU B 67 9.24 16.51 4.67
CA GLU B 67 9.20 17.26 3.44
C GLU B 67 8.41 16.50 2.39
N ILE B 68 7.36 17.13 1.89
CA ILE B 68 6.53 16.53 0.87
C ILE B 68 7.10 16.84 -0.50
N LEU B 69 7.31 15.80 -1.30
CA LEU B 69 7.83 16.00 -2.65
C LEU B 69 6.78 15.52 -3.62
N ALA B 70 6.06 16.46 -4.22
CA ALA B 70 5.00 16.15 -5.16
C ALA B 70 5.53 16.16 -6.58
N PHE B 71 5.10 15.19 -7.38
CA PHE B 71 5.53 15.08 -8.76
C PHE B 71 4.33 14.92 -9.69
N PRO B 72 4.10 15.91 -10.57
CA PRO B 72 2.97 15.85 -11.51
C PRO B 72 3.24 14.77 -12.52
N CYS B 73 2.20 14.03 -12.91
CA CYS B 73 2.34 12.95 -13.88
C CYS B 73 1.05 12.88 -14.69
N ASN B 74 1.16 12.75 -16.01
CA ASN B 74 -0.02 12.68 -16.87
C ASN B 74 -0.35 11.26 -17.28
N GLN B 75 0.43 10.30 -16.80
CA GLN B 75 0.27 8.89 -17.15
C GLN B 75 -1.02 8.20 -16.70
N PHE B 76 -1.90 8.94 -16.02
CA PHE B 76 -3.15 8.35 -15.55
C PHE B 76 -4.35 9.22 -15.88
N GLY B 77 -5.07 9.64 -14.85
CA GLY B 77 -6.24 10.47 -15.02
C GLY B 77 -6.95 10.24 -16.34
N GLU B 78 -7.42 9.02 -16.57
CA GLU B 78 -8.12 8.67 -17.81
C GLU B 78 -9.35 9.57 -17.95
N GLU B 79 -9.09 10.86 -18.07
CA GLU B 79 -10.11 11.89 -18.20
C GLU B 79 -11.16 11.62 -19.26
N GLU B 80 -12.32 12.25 -19.09
CA GLU B 80 -13.42 12.14 -20.04
C GLU B 80 -13.42 13.48 -20.76
N PRO B 81 -12.59 13.60 -21.81
CA PRO B 81 -12.42 14.80 -22.66
C PRO B 81 -13.62 15.71 -22.86
N GLY B 82 -13.33 16.98 -23.07
CA GLY B 82 -14.35 17.98 -23.29
C GLY B 82 -13.74 19.17 -24.03
N THR B 83 -12.41 19.17 -24.07
CA THR B 83 -11.63 20.21 -24.73
C THR B 83 -10.17 20.06 -24.30
N ASN B 84 -9.78 18.82 -24.02
CA ASN B 84 -8.44 18.49 -23.57
C ASN B 84 -7.37 18.44 -24.66
N ASP B 85 -7.77 18.22 -25.91
CA ASP B 85 -6.83 18.15 -27.03
C ASP B 85 -5.95 19.39 -27.11
N GLN B 86 -4.84 19.37 -26.38
CA GLN B 86 -3.90 20.48 -26.35
C GLN B 86 -2.44 19.99 -26.24
N ILE B 87 -1.71 20.05 -27.35
CA ILE B 87 -0.32 19.60 -27.33
C ILE B 87 0.61 20.79 -27.62
N THR B 88 0.59 21.74 -26.69
CA THR B 88 1.38 22.96 -26.75
C THR B 88 1.22 23.67 -25.41
N ASP B 89 0.19 23.28 -24.67
CA ASP B 89 -0.11 23.84 -23.34
C ASP B 89 -1.33 23.17 -22.71
N PHE B 90 -1.18 21.90 -22.32
CA PHE B 90 -2.30 21.17 -21.71
C PHE B 90 -2.11 20.90 -20.23
N VAL B 91 -0.86 20.65 -19.81
CA VAL B 91 -0.58 20.39 -18.40
C VAL B 91 -0.84 21.66 -17.60
N CYS B 92 -1.36 21.50 -16.39
CA CYS B 92 -1.66 22.65 -15.54
C CYS B 92 -0.44 23.56 -15.40
N THR B 93 -0.56 24.77 -15.91
CA THR B 93 0.53 25.74 -15.86
C THR B 93 0.63 26.35 -14.47
N ARG B 94 0.20 25.61 -13.45
CA ARG B 94 0.24 26.12 -12.09
C ARG B 94 -0.15 25.04 -11.06
N PHE B 95 0.43 25.13 -9.87
CA PHE B 95 0.14 24.19 -8.80
C PHE B 95 0.22 24.91 -7.45
N LYS B 96 -0.93 25.38 -7.00
CA LYS B 96 -1.06 26.12 -5.75
C LYS B 96 -1.14 25.27 -4.49
N SER B 97 -0.01 25.01 -3.86
CA SER B 97 0.01 24.22 -2.63
C SER B 97 1.13 24.67 -1.70
N GLU B 98 1.01 24.34 -0.42
CA GLU B 98 2.02 24.71 0.56
C GLU B 98 3.36 24.03 0.26
N PHE B 99 3.33 22.72 0.18
CA PHE B 99 4.52 21.92 -0.10
C PHE B 99 5.02 22.17 -1.52
N PRO B 100 6.28 21.80 -1.80
CA PRO B 100 6.89 21.98 -3.12
C PRO B 100 6.40 21.03 -4.20
N ILE B 101 6.11 21.58 -5.38
CA ILE B 101 5.64 20.79 -6.51
C ILE B 101 6.69 20.91 -7.61
N PHE B 102 7.26 19.77 -7.97
CA PHE B 102 8.31 19.72 -8.98
C PHE B 102 7.85 19.66 -10.42
N ASP B 103 8.83 19.49 -11.32
CA ASP B 103 8.55 19.43 -12.74
C ASP B 103 7.82 18.13 -13.01
N LYS B 104 6.91 18.16 -13.99
CA LYS B 104 6.15 16.97 -14.33
C LYS B 104 7.08 15.89 -14.88
N ILE B 105 6.91 14.66 -14.40
CA ILE B 105 7.72 13.53 -14.86
C ILE B 105 6.88 12.27 -14.97
N ASP B 106 7.38 11.27 -15.70
CA ASP B 106 6.68 10.01 -15.84
C ASP B 106 7.16 9.08 -14.72
N VAL B 107 6.24 8.34 -14.14
CA VAL B 107 6.58 7.40 -13.06
C VAL B 107 6.68 5.96 -13.57
N ASN B 108 5.99 5.66 -14.67
CA ASN B 108 6.05 4.32 -15.24
C ASN B 108 6.49 4.36 -16.70
N GLY B 109 6.84 3.20 -17.23
CA GLY B 109 7.24 3.08 -18.62
C GLY B 109 8.62 3.57 -19.05
N GLU B 110 8.88 3.36 -20.34
CA GLU B 110 10.12 3.74 -21.00
C GLU B 110 10.85 4.98 -20.46
N ASN B 111 10.16 6.12 -20.47
CA ASN B 111 10.76 7.38 -20.00
C ASN B 111 10.59 7.66 -18.51
N ALA B 112 10.46 6.60 -17.73
CA ALA B 112 10.29 6.74 -16.28
C ALA B 112 11.45 7.47 -15.60
N SER B 113 11.11 8.29 -14.61
CA SER B 113 12.11 9.05 -13.86
C SER B 113 13.05 8.15 -13.08
N PRO B 114 14.36 8.39 -13.19
CA PRO B 114 15.36 7.60 -12.49
C PRO B 114 15.04 7.46 -11.00
N LEU B 115 14.43 8.48 -10.42
CA LEU B 115 14.07 8.44 -9.01
C LEU B 115 13.03 7.35 -8.76
N TYR B 116 11.89 7.45 -9.41
CA TYR B 116 10.86 6.44 -9.23
C TYR B 116 11.43 5.05 -9.54
N ARG B 117 12.26 4.95 -10.57
CA ARG B 117 12.86 3.67 -10.90
C ARG B 117 13.51 3.15 -9.64
N PHE B 118 14.23 4.05 -8.95
CA PHE B 118 14.93 3.71 -7.72
C PHE B 118 13.97 3.43 -6.55
N LEU B 119 12.95 4.25 -6.40
CA LEU B 119 11.99 4.06 -5.32
C LEU B 119 11.36 2.69 -5.44
N LYS B 120 11.26 2.21 -6.68
CA LYS B 120 10.67 0.91 -6.99
C LYS B 120 11.52 -0.30 -6.62
N LEU B 121 12.82 -0.09 -6.39
CA LEU B 121 13.70 -1.20 -6.02
C LEU B 121 13.64 -1.35 -4.52
N GLY B 122 13.03 -0.36 -3.87
CA GLY B 122 12.90 -0.37 -2.43
C GLY B 122 12.46 -1.68 -1.81
N LYS B 123 12.99 -1.94 -0.62
CA LYS B 123 12.67 -3.16 0.14
C LYS B 123 12.73 -4.44 -0.69
N TRP B 124 13.86 -4.66 -1.35
CA TRP B 124 14.06 -5.88 -2.14
C TRP B 124 13.03 -6.11 -3.24
N GLY B 125 12.56 -5.04 -3.87
CA GLY B 125 11.59 -5.20 -4.94
C GLY B 125 10.15 -5.32 -4.49
N ILE B 126 9.92 -5.29 -3.18
CA ILE B 126 8.55 -5.38 -2.68
C ILE B 126 7.78 -4.21 -3.27
N PHE B 127 8.50 -3.11 -3.50
CA PHE B 127 7.91 -1.91 -4.04
C PHE B 127 8.06 -1.84 -5.55
N GLY B 128 8.45 -2.94 -6.16
CA GLY B 128 8.65 -2.97 -7.59
C GLY B 128 7.45 -2.78 -8.51
N ASP B 129 6.24 -2.70 -7.97
CA ASP B 129 5.06 -2.53 -8.83
C ASP B 129 5.03 -1.19 -9.55
N ASP B 130 4.26 -1.11 -10.63
CA ASP B 130 4.10 0.13 -11.37
C ASP B 130 3.20 1.00 -10.51
N ILE B 131 3.44 2.32 -10.51
CA ILE B 131 2.59 3.21 -9.75
C ILE B 131 1.19 2.90 -10.28
N GLN B 132 0.29 2.53 -9.39
CA GLN B 132 -1.05 2.14 -9.78
C GLN B 132 -1.94 3.25 -10.33
N TRP B 133 -1.81 4.44 -9.77
CA TRP B 133 -2.65 5.54 -10.21
C TRP B 133 -2.12 6.83 -9.61
N ASN B 134 -2.92 7.88 -9.69
CA ASN B 134 -2.53 9.17 -9.13
C ASN B 134 -2.48 9.06 -7.61
N PHE B 135 -1.49 9.71 -7.01
CA PHE B 135 -1.34 9.74 -5.56
C PHE B 135 -0.83 8.48 -4.86
N ALA B 136 0.18 7.85 -5.44
CA ALA B 136 0.77 6.70 -4.78
C ALA B 136 1.74 7.37 -3.78
N LYS B 137 1.82 6.84 -2.57
CA LYS B 137 2.70 7.45 -1.57
C LYS B 137 3.92 6.63 -1.24
N PHE B 138 5.03 7.33 -1.03
CA PHE B 138 6.31 6.73 -0.69
C PHE B 138 6.88 7.46 0.53
N LEU B 139 7.50 6.71 1.43
CA LEU B 139 8.14 7.30 2.60
C LEU B 139 9.61 6.96 2.55
N VAL B 140 10.44 7.98 2.66
CA VAL B 140 11.88 7.79 2.62
C VAL B 140 12.43 8.27 3.95
N ASN B 141 13.36 7.51 4.52
CA ASN B 141 13.95 7.90 5.80
C ASN B 141 15.02 8.97 5.61
N LYS B 142 15.60 9.41 6.73
CA LYS B 142 16.62 10.45 6.71
C LYS B 142 17.89 10.11 5.95
N ASP B 143 18.07 8.83 5.63
CA ASP B 143 19.26 8.39 4.90
C ASP B 143 18.99 8.21 3.42
N GLY B 144 17.78 8.53 2.99
CA GLY B 144 17.43 8.39 1.58
C GLY B 144 17.06 6.98 1.16
N GLN B 145 16.62 6.18 2.12
CA GLN B 145 16.22 4.81 1.83
C GLN B 145 14.70 4.71 1.83
N VAL B 146 14.16 4.02 0.83
CA VAL B 146 12.71 3.85 0.70
C VAL B 146 12.20 2.91 1.77
N VAL B 147 11.48 3.47 2.75
CA VAL B 147 10.94 2.71 3.87
C VAL B 147 9.55 2.12 3.65
N ASP B 148 8.61 2.95 3.21
CA ASP B 148 7.23 2.51 2.99
C ASP B 148 6.66 2.89 1.64
N ARG B 149 5.55 2.25 1.29
CA ARG B 149 4.86 2.50 0.04
C ARG B 149 3.39 2.26 0.31
N TYR B 150 2.53 3.13 -0.22
CA TYR B 150 1.11 2.97 0.00
C TYR B 150 0.36 3.08 -1.31
N TYR B 151 -0.79 2.42 -1.38
CA TYR B 151 -1.60 2.48 -2.57
C TYR B 151 -2.27 3.85 -2.66
N PRO B 152 -2.57 4.30 -3.89
CA PRO B 152 -3.21 5.59 -4.12
C PRO B 152 -4.39 5.81 -3.18
N THR B 153 -5.13 4.73 -2.93
CA THR B 153 -6.31 4.75 -2.10
C THR B 153 -6.07 4.97 -0.61
N THR B 154 -4.82 5.17 -0.20
CA THR B 154 -4.57 5.41 1.21
C THR B 154 -4.39 6.92 1.42
N SER B 155 -5.36 7.54 2.09
CA SER B 155 -5.29 8.96 2.33
C SER B 155 -4.06 9.29 3.13
N PRO B 156 -3.42 10.42 2.79
CA PRO B 156 -2.20 10.91 3.45
C PRO B 156 -2.29 10.84 4.97
N LEU B 157 -3.44 11.21 5.51
CA LEU B 157 -3.66 11.20 6.94
C LEU B 157 -3.46 9.82 7.56
N SER B 158 -3.62 8.76 6.76
CA SER B 158 -3.44 7.42 7.29
C SER B 158 -1.97 7.05 7.37
N LEU B 159 -1.12 7.94 6.87
CA LEU B 159 0.31 7.71 6.91
C LEU B 159 0.93 8.43 8.09
N GLU B 160 0.09 9.03 8.92
CA GLU B 160 0.58 9.78 10.07
C GLU B 160 1.38 8.93 11.04
N ARG B 161 0.83 7.78 11.42
CA ARG B 161 1.53 6.92 12.38
C ARG B 161 2.93 6.54 11.93
N ASP B 162 3.10 6.32 10.62
CA ASP B 162 4.41 5.96 10.11
C ASP B 162 5.29 7.20 9.97
N ILE B 163 4.67 8.33 9.65
CA ILE B 163 5.39 9.61 9.52
C ILE B 163 5.96 9.91 10.90
N LYS B 164 5.04 9.93 11.86
CA LYS B 164 5.35 10.20 13.26
C LYS B 164 6.52 9.35 13.71
N GLN B 165 6.38 8.04 13.66
CA GLN B 165 7.47 7.15 14.07
C GLN B 165 8.76 7.46 13.33
N LEU B 166 8.69 7.51 12.01
CA LEU B 166 9.85 7.78 11.17
C LEU B 166 10.61 9.05 11.56
N LEU B 167 9.96 9.93 12.29
CA LEU B 167 10.59 11.18 12.74
C LEU B 167 11.09 11.08 14.18
N GLU B 168 10.74 9.99 14.86
CA GLU B 168 11.15 9.75 16.24
C GLU B 168 10.45 10.70 17.20
N ILE B 169 9.21 11.04 16.88
CA ILE B 169 8.38 11.93 17.69
C ILE B 169 7.37 11.08 18.47
CA CA C . -22.32 -16.03 0.42
CA CA D . 11.36 -21.34 -4.19
CA CA E . -8.96 4.79 2.10
CA CA F . -10.55 3.63 4.61
CA CA G . 3.44 9.79 -21.12
#